data_2ZZ9
#
_entry.id   2ZZ9
#
_cell.length_a   69.000
_cell.length_b   69.000
_cell.length_c   160.000
_cell.angle_alpha   90.00
_cell.angle_beta   90.00
_cell.angle_gamma   90.00
#
_symmetry.space_group_name_H-M   'P 4 21 2'
#
loop_
_entity.id
_entity.type
_entity.pdbx_description
1 polymer Aquaporin-4
2 non-polymer 1,2-dioleoyl-sn-glycero-3-phosphoethanolamine
3 water water
#
_entity_poly.entity_id   1
_entity_poly.type   'polypeptide(L)'
_entity_poly.pdbx_seq_one_letter_code
;MVAFKGVWTQAFWKAVTAEFLAMLIFVLLSVGSTINWGGSENPLPVDMVLISLCFGLSIATMVQCFGHISGGHINPAVTV
AMVCTRKISIAKSVFYITAQCLGAIIGAGILYLVTPPSVVGGLGVTTVHGNLTAGHGLLVELIITFQLVFTIFASCDDKR
TDVTGSVALAIGFSVAIGHLFAINYTGASMNPARSFGPAVIMGNWENHWIYWVGPIIGAVLAGALYEYVFCPDVELKRRL
KEAFSKAAQQTKGSYMEVEDNRSQVETEDLILKPGVVHVIDIDRGDEKKGKDSSGEVLSSV
;
_entity_poly.pdbx_strand_id   A
#
loop_
_chem_comp.id
_chem_comp.type
_chem_comp.name
_chem_comp.formula
PEE non-polymer 1,2-dioleoyl-sn-glycero-3-phosphoethanolamine 'C41 H78 N O8 P'
#
# COMPACT_ATOMS: atom_id res chain seq x y z
N TRP A 8 23.61 -5.65 11.24
CA TRP A 8 22.56 -6.11 12.19
C TRP A 8 22.56 -7.63 12.33
N THR A 9 21.77 -8.28 11.46
CA THR A 9 21.64 -9.72 11.38
C THR A 9 21.26 -10.05 9.94
N GLN A 10 21.94 -11.05 9.36
CA GLN A 10 21.68 -11.45 7.98
C GLN A 10 20.21 -11.75 7.75
N ALA A 11 19.63 -12.51 8.67
CA ALA A 11 18.19 -12.73 8.66
C ALA A 11 17.47 -11.40 8.48
N PHE A 12 17.71 -10.47 9.41
CA PHE A 12 17.09 -9.15 9.39
C PHE A 12 17.31 -8.42 8.08
N TRP A 13 18.54 -8.44 7.59
CA TRP A 13 18.88 -7.63 6.43
C TRP A 13 18.45 -8.25 5.10
N LYS A 14 18.21 -9.56 5.12
CA LYS A 14 17.49 -10.22 4.03
C LYS A 14 16.07 -9.68 3.93
N ALA A 15 15.42 -9.53 5.09
CA ALA A 15 14.03 -9.09 5.18
C ALA A 15 13.86 -7.64 4.73
N VAL A 16 14.85 -6.83 5.04
CA VAL A 16 14.91 -5.46 4.56
C VAL A 16 15.03 -5.47 3.03
N THR A 17 15.87 -6.37 2.51
CA THR A 17 16.02 -6.59 1.07
C THR A 17 14.69 -7.01 0.48
N ALA A 18 14.11 -8.07 1.04
CA ALA A 18 12.83 -8.58 0.61
C ALA A 18 11.79 -7.47 0.61
N GLU A 19 11.84 -6.62 1.64
CA GLU A 19 10.96 -5.45 1.74
C GLU A 19 11.18 -4.42 0.63
N PHE A 20 12.45 -4.20 0.27
CA PHE A 20 12.80 -3.28 -0.81
C PHE A 20 12.32 -3.78 -2.18
N LEU A 21 12.70 -5.02 -2.53
CA LEU A 21 12.28 -5.66 -3.78
C LEU A 21 10.77 -5.78 -3.97
N ALA A 22 10.07 -5.98 -2.86
CA ALA A 22 8.64 -6.26 -2.90
C ALA A 22 7.84 -5.02 -3.22
N MET A 23 8.21 -3.90 -2.60
CA MET A 23 7.57 -2.63 -2.93
C MET A 23 7.96 -2.27 -4.36
N LEU A 24 9.21 -2.56 -4.70
CA LEU A 24 9.77 -2.33 -6.02
C LEU A 24 8.94 -2.93 -7.16
N ILE A 25 8.38 -4.10 -6.90
CA ILE A 25 7.57 -4.81 -7.88
C ILE A 25 6.11 -4.39 -7.72
N PHE A 26 5.62 -4.38 -6.47
CA PHE A 26 4.28 -3.89 -6.24
C PHE A 26 4.09 -2.58 -7.00
N VAL A 27 4.81 -1.51 -6.65
CA VAL A 27 4.49 -0.20 -7.27
C VAL A 27 4.79 -0.14 -8.76
N LEU A 28 5.82 -0.87 -9.21
CA LEU A 28 6.08 -0.95 -10.65
C LEU A 28 4.90 -1.64 -11.38
N LEU A 29 4.53 -2.84 -10.94
CA LEU A 29 3.51 -3.61 -11.68
C LEU A 29 2.14 -2.95 -11.60
N SER A 30 1.74 -2.60 -10.38
CA SER A 30 0.39 -2.11 -10.16
C SER A 30 0.21 -0.61 -10.42
N VAL A 31 1.21 0.19 -10.08
CA VAL A 31 1.19 1.60 -10.45
C VAL A 31 1.31 1.69 -11.98
N GLY A 32 2.06 0.77 -12.56
CA GLY A 32 2.17 0.66 -13.98
C GLY A 32 0.85 0.27 -14.63
N SER A 33 -0.16 -0.03 -13.83
CA SER A 33 -1.45 -0.37 -14.42
C SER A 33 -2.31 0.87 -14.57
N THR A 34 -2.05 1.84 -13.70
CA THR A 34 -2.79 3.08 -13.72
C THR A 34 -2.54 3.80 -15.05
N ILE A 35 -1.45 3.40 -15.73
CA ILE A 35 -1.07 3.93 -17.03
C ILE A 35 -2.25 3.90 -18.02
N ASN A 36 -2.47 5.02 -18.70
CA ASN A 36 -3.64 5.21 -19.56
C ASN A 36 -3.26 5.35 -21.02
N TRP A 37 -3.44 4.28 -21.82
CA TRP A 37 -2.93 4.29 -23.20
C TRP A 37 -3.79 5.11 -24.14
N GLY A 38 -3.67 6.42 -23.96
CA GLY A 38 -4.47 7.43 -24.63
C GLY A 38 -4.26 8.72 -23.85
N GLY A 39 -3.07 8.87 -23.28
CA GLY A 39 -2.74 10.00 -22.43
C GLY A 39 -2.90 11.36 -23.11
N SER A 40 -3.33 12.34 -22.31
CA SER A 40 -3.56 13.75 -22.71
C SER A 40 -3.72 14.02 -24.22
N ASN A 42 -6.92 11.94 -25.11
CA ASN A 42 -7.87 10.96 -24.59
C ASN A 42 -7.68 9.53 -25.16
N PRO A 43 -8.19 8.50 -24.45
CA PRO A 43 -8.89 8.56 -23.17
C PRO A 43 -9.31 7.19 -22.59
N LEU A 44 -8.43 6.61 -21.79
CA LEU A 44 -8.82 5.62 -20.80
C LEU A 44 -8.94 4.17 -21.25
N PRO A 45 -10.14 3.60 -21.15
CA PRO A 45 -11.45 4.17 -20.75
C PRO A 45 -11.59 4.46 -19.26
N VAL A 46 -10.52 4.23 -18.52
CA VAL A 46 -10.55 4.31 -17.07
C VAL A 46 -11.16 3.03 -16.57
N ASP A 47 -10.46 1.92 -16.76
CA ASP A 47 -10.99 0.66 -16.24
C ASP A 47 -10.58 0.43 -14.80
N MET A 48 -11.56 0.53 -13.89
CA MET A 48 -11.32 0.26 -12.47
C MET A 48 -10.98 -1.21 -12.26
N VAL A 49 -11.87 -2.12 -12.68
CA VAL A 49 -11.62 -3.56 -12.55
C VAL A 49 -10.17 -3.95 -12.92
N LEU A 50 -9.59 -3.25 -13.89
CA LEU A 50 -8.18 -3.41 -14.27
C LEU A 50 -7.31 -2.92 -13.13
N ILE A 51 -7.43 -1.63 -12.81
CA ILE A 51 -6.53 -1.01 -11.82
C ILE A 51 -6.68 -1.72 -10.49
N SER A 52 -7.94 -1.93 -10.12
CA SER A 52 -8.34 -2.58 -8.89
C SER A 52 -7.78 -4.00 -8.69
N LEU A 53 -8.04 -4.91 -9.64
CA LEU A 53 -7.51 -6.29 -9.60
C LEU A 53 -5.99 -6.30 -9.64
N CYS A 54 -5.42 -5.35 -10.38
CA CYS A 54 -3.97 -5.30 -10.52
C CYS A 54 -3.34 -5.15 -9.15
N PHE A 55 -3.74 -4.08 -8.47
CA PHE A 55 -3.24 -3.64 -7.16
C PHE A 55 -3.46 -4.62 -6.01
N GLY A 56 -4.49 -5.45 -6.12
CA GLY A 56 -4.83 -6.39 -5.07
C GLY A 56 -4.07 -7.69 -5.28
N LEU A 57 -4.17 -8.23 -6.49
CA LEU A 57 -3.48 -9.44 -6.88
C LEU A 57 -1.95 -9.24 -6.83
N SER A 58 -1.49 -7.99 -6.95
CA SER A 58 -0.06 -7.69 -6.94
C SER A 58 0.48 -7.88 -5.55
N ILE A 59 -0.30 -7.39 -4.60
CA ILE A 59 -0.03 -7.53 -3.16
C ILE A 59 -0.19 -8.97 -2.72
N ALA A 60 -1.20 -9.64 -3.27
CA ALA A 60 -1.49 -11.02 -2.97
C ALA A 60 -0.35 -11.86 -3.46
N THR A 61 0.32 -11.34 -4.48
CA THR A 61 1.40 -12.07 -5.10
C THR A 61 2.65 -11.84 -4.26
N MET A 62 2.84 -10.59 -3.84
CA MET A 62 4.06 -10.20 -3.16
C MET A 62 4.16 -10.83 -1.79
N VAL A 63 3.03 -10.90 -1.09
CA VAL A 63 3.01 -11.57 0.19
C VAL A 63 3.29 -13.06 -0.03
N GLN A 64 2.80 -13.59 -1.14
CA GLN A 64 3.10 -14.97 -1.49
C GLN A 64 4.58 -15.23 -1.76
N CYS A 65 5.31 -14.24 -2.28
CA CYS A 65 6.75 -14.42 -2.60
C CYS A 65 7.67 -14.19 -1.43
N PHE A 66 7.22 -13.34 -0.51
CA PHE A 66 8.10 -12.73 0.47
C PHE A 66 7.58 -12.82 1.89
N GLY A 67 6.29 -13.11 2.03
CA GLY A 67 5.69 -13.17 3.36
C GLY A 67 6.55 -13.92 4.34
N HIS A 68 7.10 -15.04 3.85
CA HIS A 68 7.87 -15.98 4.65
C HIS A 68 9.31 -15.54 4.93
N ILE A 69 9.60 -14.26 4.77
CA ILE A 69 10.99 -13.80 4.74
C ILE A 69 11.13 -12.32 5.12
N SER A 70 9.98 -11.67 5.33
CA SER A 70 9.97 -10.27 5.71
C SER A 70 8.74 -9.97 6.55
N GLY A 71 7.62 -10.53 6.12
CA GLY A 71 6.33 -10.27 6.75
C GLY A 71 5.29 -9.86 5.71
N GLY A 72 5.78 -9.31 4.60
CA GLY A 72 4.93 -8.70 3.58
C GLY A 72 4.20 -7.49 4.12
N HIS A 73 4.93 -6.65 4.87
CA HIS A 73 4.35 -5.39 5.38
C HIS A 73 4.08 -4.54 4.19
N ILE A 74 5.15 -4.21 3.46
CA ILE A 74 5.07 -3.65 2.13
C ILE A 74 4.18 -2.38 2.14
N ASN A 75 4.09 -1.77 3.31
CA ASN A 75 3.17 -0.67 3.57
C ASN A 75 3.42 -0.09 4.97
N PRO A 76 4.01 1.12 5.02
CA PRO A 76 4.41 1.79 6.26
C PRO A 76 3.33 1.89 7.31
N ALA A 77 2.08 2.11 6.89
CA ALA A 77 0.97 2.16 7.82
C ALA A 77 0.84 0.81 8.52
N VAL A 78 1.03 -0.28 7.78
CA VAL A 78 1.03 -1.59 8.39
C VAL A 78 2.21 -1.66 9.36
N THR A 79 3.36 -1.13 8.94
CA THR A 79 4.55 -1.16 9.78
C THR A 79 4.33 -0.39 11.07
N VAL A 80 3.69 0.78 10.96
CA VAL A 80 3.38 1.60 12.14
C VAL A 80 2.40 0.86 13.05
N ALA A 81 1.36 0.27 12.47
CA ALA A 81 0.39 -0.49 13.24
C ALA A 81 1.01 -1.73 13.85
N MET A 82 2.03 -2.28 13.20
CA MET A 82 2.75 -3.45 13.72
C MET A 82 3.49 -3.07 14.99
N VAL A 83 4.16 -1.92 14.95
CA VAL A 83 4.96 -1.45 16.08
C VAL A 83 4.08 -0.91 17.21
N CYS A 84 3.08 -0.11 16.84
CA CYS A 84 2.14 0.44 17.81
C CYS A 84 1.45 -0.69 18.57
N THR A 85 1.33 -1.86 17.94
CA THR A 85 0.71 -3.04 18.54
C THR A 85 1.76 -3.96 19.18
N ARG A 86 3.00 -3.48 19.20
CA ARG A 86 4.18 -4.23 19.69
C ARG A 86 4.30 -5.59 19.00
N LYS A 87 5.06 -5.59 17.90
CA LYS A 87 5.18 -6.73 17.03
C LYS A 87 6.54 -6.63 16.35
N ILE A 88 7.01 -5.40 16.24
CA ILE A 88 8.27 -5.06 15.57
C ILE A 88 8.97 -3.96 16.37
N SER A 89 10.27 -4.15 16.63
CA SER A 89 11.06 -3.18 17.38
C SER A 89 10.96 -1.79 16.76
N ILE A 90 11.20 -0.77 17.56
CA ILE A 90 11.17 0.60 17.07
C ILE A 90 12.29 0.82 16.04
N ALA A 91 13.40 0.11 16.20
CA ALA A 91 14.56 0.23 15.30
C ALA A 91 14.44 -0.65 14.07
N LYS A 92 13.76 -1.78 14.22
CA LYS A 92 13.49 -2.67 13.12
C LYS A 92 12.56 -1.94 12.12
N SER A 93 11.57 -1.24 12.69
CA SER A 93 10.55 -0.52 11.95
C SER A 93 11.04 0.70 11.16
N VAL A 94 12.22 1.20 11.48
CA VAL A 94 12.74 2.34 10.75
C VAL A 94 13.52 1.89 9.52
N PHE A 95 14.03 0.66 9.58
CA PHE A 95 14.75 0.06 8.46
C PHE A 95 13.79 -0.57 7.45
N TYR A 96 12.49 -0.45 7.71
CA TYR A 96 11.47 -0.97 6.83
C TYR A 96 10.89 0.15 5.99
N ILE A 97 10.44 1.21 6.67
CA ILE A 97 9.86 2.39 6.01
C ILE A 97 10.76 2.91 4.91
N THR A 98 12.04 3.06 5.22
CA THR A 98 13.03 3.56 4.26
C THR A 98 13.24 2.57 3.12
N ALA A 99 13.35 1.28 3.45
CA ALA A 99 13.46 0.24 2.44
C ALA A 99 12.20 0.17 1.61
N GLN A 100 11.08 0.51 2.23
CA GLN A 100 9.79 0.65 1.56
C GLN A 100 9.70 1.97 0.81
N CYS A 101 10.41 2.97 1.30
CA CYS A 101 10.37 4.27 0.66
C CYS A 101 11.38 4.41 -0.48
N LEU A 102 12.47 3.65 -0.45
CA LEU A 102 13.40 3.60 -1.58
C LEU A 102 12.87 2.62 -2.63
N GLY A 103 12.30 1.51 -2.15
CA GLY A 103 11.75 0.47 -3.00
C GLY A 103 10.69 1.02 -3.91
N ALA A 104 9.82 1.88 -3.37
CA ALA A 104 8.78 2.55 -4.14
C ALA A 104 9.38 3.54 -5.11
N ILE A 105 10.26 4.40 -4.60
CA ILE A 105 10.95 5.42 -5.40
C ILE A 105 11.69 4.85 -6.60
N ILE A 106 12.34 3.68 -6.46
CA ILE A 106 13.01 3.10 -7.63
C ILE A 106 12.13 2.07 -8.33
N GLY A 107 10.99 1.77 -7.74
CA GLY A 107 9.96 0.97 -8.38
C GLY A 107 9.29 1.83 -9.45
N ALA A 108 8.90 3.04 -9.03
CA ALA A 108 8.36 4.06 -9.93
C ALA A 108 9.45 4.55 -10.87
N GLY A 109 10.65 4.76 -10.33
CA GLY A 109 11.84 5.11 -11.11
C GLY A 109 12.00 4.21 -12.31
N ILE A 110 12.29 2.94 -12.05
CA ILE A 110 12.37 1.93 -13.09
C ILE A 110 11.18 2.04 -14.05
N LEU A 111 9.99 2.31 -13.50
CA LEU A 111 8.78 2.37 -14.32
C LEU A 111 8.81 3.53 -15.29
N TYR A 112 9.27 4.68 -14.79
CA TYR A 112 9.24 5.94 -15.50
C TYR A 112 9.84 5.83 -16.86
N LEU A 113 10.95 5.11 -16.95
CA LEU A 113 11.73 5.03 -18.17
C LEU A 113 11.47 3.81 -19.02
N VAL A 114 10.43 3.06 -18.67
CA VAL A 114 10.07 1.86 -19.40
C VAL A 114 8.70 2.11 -20.00
N THR A 115 7.91 2.89 -19.27
CA THR A 115 6.71 3.43 -19.87
C THR A 115 7.14 4.52 -20.81
N PRO A 116 6.47 4.60 -21.97
CA PRO A 116 6.73 5.57 -23.03
C PRO A 116 6.37 7.02 -22.65
N PRO A 117 5.76 7.79 -23.60
CA PRO A 117 5.29 9.17 -23.34
C PRO A 117 3.76 9.28 -23.17
N SER A 118 3.17 8.30 -22.50
CA SER A 118 1.74 8.27 -22.21
C SER A 118 1.54 8.29 -20.71
N VAL A 119 2.64 8.45 -19.97
CA VAL A 119 2.62 8.44 -18.49
C VAL A 119 1.90 9.63 -17.91
N VAL A 120 1.74 10.67 -18.74
CA VAL A 120 1.28 12.01 -18.33
C VAL A 120 0.50 11.98 -17.01
N GLY A 121 -0.37 10.96 -16.87
CA GLY A 121 -1.23 10.75 -15.71
C GLY A 121 -0.61 11.13 -14.38
N GLY A 122 0.70 10.98 -14.26
CA GLY A 122 1.40 11.29 -13.01
C GLY A 122 1.80 9.98 -12.37
N LEU A 123 2.08 9.00 -13.22
CA LEU A 123 2.41 7.66 -12.78
C LEU A 123 1.37 7.12 -11.78
N GLY A 124 0.27 7.85 -11.62
CA GLY A 124 -0.73 7.49 -10.63
C GLY A 124 -0.26 7.94 -9.26
N VAL A 125 -0.23 9.26 -9.05
CA VAL A 125 -0.01 9.83 -7.73
C VAL A 125 -1.36 10.06 -7.07
N THR A 126 -1.62 9.32 -6.01
CA THR A 126 -2.80 9.48 -5.21
C THR A 126 -3.00 10.98 -4.95
N THR A 127 -4.14 11.49 -5.39
CA THR A 127 -4.43 12.92 -5.25
C THR A 127 -5.92 13.07 -4.87
N VAL A 128 -6.18 13.73 -3.75
CA VAL A 128 -7.51 13.77 -3.15
C VAL A 128 -8.43 14.73 -3.87
N HIS A 129 -9.33 14.21 -4.70
CA HIS A 129 -10.43 15.04 -5.18
C HIS A 129 -11.68 14.28 -5.56
N GLY A 130 -12.62 15.05 -6.09
CA GLY A 130 -14.03 14.73 -6.19
C GLY A 130 -14.70 15.97 -5.62
N ASN A 131 -13.87 16.92 -5.16
CA ASN A 131 -14.26 18.23 -4.62
C ASN A 131 -14.19 18.18 -3.13
N LEU A 132 -13.78 17.02 -2.64
CA LEU A 132 -13.72 16.69 -1.22
C LEU A 132 -12.75 17.61 -0.51
N THR A 133 -12.89 17.72 0.81
CA THR A 133 -11.90 18.46 1.60
C THR A 133 -10.66 17.61 1.83
N ALA A 134 -9.93 17.96 2.87
CA ALA A 134 -8.75 17.22 3.28
C ALA A 134 -9.12 16.19 4.34
N GLY A 135 -10.19 16.50 5.08
CA GLY A 135 -10.65 15.69 6.19
C GLY A 135 -11.47 14.53 5.66
N HIS A 136 -12.15 14.76 4.55
CA HIS A 136 -12.87 13.72 3.85
C HIS A 136 -11.87 12.72 3.31
N GLY A 137 -10.87 13.25 2.63
CA GLY A 137 -9.79 12.47 2.04
C GLY A 137 -8.99 11.79 3.13
N LEU A 138 -8.85 12.47 4.27
CA LEU A 138 -8.30 11.83 5.45
C LEU A 138 -9.15 10.61 5.80
N LEU A 139 -10.44 10.84 6.00
CA LEU A 139 -11.39 9.82 6.41
C LEU A 139 -11.47 8.64 5.42
N VAL A 140 -11.72 8.94 4.14
CA VAL A 140 -11.84 7.89 3.14
C VAL A 140 -10.63 6.98 3.22
N GLU A 141 -9.44 7.58 3.35
CA GLU A 141 -8.19 6.82 3.62
C GLU A 141 -8.20 6.15 4.99
N LEU A 142 -8.37 6.94 6.05
CA LEU A 142 -8.42 6.42 7.41
C LEU A 142 -9.27 5.17 7.43
N ILE A 143 -10.48 5.27 6.89
CA ILE A 143 -11.45 4.19 6.93
C ILE A 143 -10.97 2.92 6.21
N ILE A 144 -10.37 3.07 5.02
CA ILE A 144 -10.08 1.92 4.18
C ILE A 144 -8.83 1.24 4.66
N THR A 145 -7.82 2.03 4.96
CA THR A 145 -6.59 1.48 5.48
C THR A 145 -6.90 0.71 6.74
N PHE A 146 -8.02 1.07 7.36
CA PHE A 146 -8.56 0.35 8.51
C PHE A 146 -9.04 -1.02 8.09
N GLN A 147 -10.17 -1.04 7.39
CA GLN A 147 -10.71 -2.23 6.73
C GLN A 147 -9.60 -3.16 6.23
N LEU A 148 -8.45 -2.58 5.89
CA LEU A 148 -7.39 -3.32 5.25
C LEU A 148 -6.43 -3.88 6.28
N VAL A 149 -6.09 -3.07 7.28
CA VAL A 149 -5.21 -3.52 8.34
C VAL A 149 -5.96 -4.52 9.26
N PHE A 150 -7.27 -4.34 9.37
CA PHE A 150 -8.12 -5.25 10.14
C PHE A 150 -8.18 -6.63 9.47
N THR A 151 -8.20 -6.64 8.14
CA THR A 151 -8.05 -7.88 7.36
C THR A 151 -6.73 -8.60 7.66
N ILE A 152 -5.64 -7.83 7.65
CA ILE A 152 -4.27 -8.34 7.90
C ILE A 152 -4.15 -8.99 9.28
N PHE A 153 -4.65 -8.30 10.31
CA PHE A 153 -4.57 -8.78 11.67
C PHE A 153 -5.49 -9.96 11.95
N ALA A 154 -6.73 -9.89 11.44
CA ALA A 154 -7.70 -10.98 11.59
C ALA A 154 -7.25 -12.28 10.93
N SER A 155 -6.82 -12.18 9.67
CA SER A 155 -6.31 -13.30 8.89
C SER A 155 -4.94 -13.81 9.38
N CYS A 156 -4.12 -12.90 9.91
CA CYS A 156 -2.82 -13.26 10.47
C CYS A 156 -2.89 -13.16 11.98
N ASP A 157 -3.51 -14.17 12.59
CA ASP A 157 -3.75 -14.19 14.02
C ASP A 157 -3.78 -15.64 14.46
N ASP A 158 -2.65 -16.15 14.94
CA ASP A 158 -2.58 -17.55 15.39
C ASP A 158 -3.59 -17.83 16.51
N LYS A 159 -3.98 -19.10 16.63
CA LYS A 159 -5.12 -19.49 17.48
C LYS A 159 -6.43 -18.92 16.89
N ARG A 160 -6.83 -19.55 15.78
CA ARG A 160 -8.10 -19.32 15.11
C ARG A 160 -8.44 -20.62 14.37
N THR A 161 -9.62 -20.70 13.73
CA THR A 161 -9.96 -21.88 12.91
C THR A 161 -9.17 -21.80 11.60
N ASP A 162 -7.85 -22.01 11.69
CA ASP A 162 -6.89 -21.88 10.58
C ASP A 162 -7.57 -21.38 9.30
N VAL A 163 -7.90 -20.08 9.31
CA VAL A 163 -8.79 -19.44 8.33
C VAL A 163 -8.76 -20.08 6.95
N THR A 164 -9.95 -20.35 6.42
CA THR A 164 -10.07 -21.01 5.13
C THR A 164 -9.39 -20.21 4.01
N GLY A 165 -8.67 -20.91 3.14
CA GLY A 165 -8.16 -20.32 1.91
C GLY A 165 -6.96 -19.40 2.06
N SER A 166 -6.49 -18.90 0.91
CA SER A 166 -5.27 -18.09 0.82
C SER A 166 -5.33 -16.84 1.67
N VAL A 167 -4.38 -16.74 2.60
CA VAL A 167 -4.24 -15.56 3.45
C VAL A 167 -3.75 -14.38 2.62
N ALA A 168 -2.88 -14.68 1.66
CA ALA A 168 -2.43 -13.71 0.68
C ALA A 168 -3.61 -13.13 -0.11
N LEU A 169 -4.53 -14.00 -0.55
CA LEU A 169 -5.68 -13.53 -1.29
C LEU A 169 -6.61 -12.65 -0.48
N ALA A 170 -6.92 -13.04 0.74
CA ALA A 170 -7.70 -12.20 1.62
C ALA A 170 -7.13 -10.77 1.64
N ILE A 171 -5.87 -10.69 2.06
CA ILE A 171 -5.12 -9.43 2.13
C ILE A 171 -5.03 -8.77 0.75
N GLY A 172 -5.12 -9.58 -0.31
CA GLY A 172 -5.17 -9.06 -1.67
C GLY A 172 -6.53 -8.41 -1.86
N PHE A 173 -7.57 -9.23 -1.72
CA PHE A 173 -8.95 -8.82 -1.96
C PHE A 173 -9.35 -7.61 -1.13
N SER A 174 -8.59 -7.35 -0.06
CA SER A 174 -8.89 -6.24 0.83
C SER A 174 -8.40 -4.96 0.17
N VAL A 175 -7.17 -5.02 -0.31
CA VAL A 175 -6.64 -3.99 -1.17
C VAL A 175 -7.62 -3.72 -2.32
N ALA A 176 -8.24 -4.79 -2.82
CA ALA A 176 -9.04 -4.73 -4.03
C ALA A 176 -10.29 -3.92 -3.79
N ILE A 177 -11.28 -4.52 -3.15
CA ILE A 177 -12.46 -3.82 -2.73
C ILE A 177 -12.16 -2.42 -2.19
N GLY A 178 -10.94 -2.24 -1.68
CA GLY A 178 -10.49 -0.93 -1.18
C GLY A 178 -10.26 0.05 -2.31
N HIS A 179 -9.64 -0.42 -3.38
CA HIS A 179 -9.50 0.33 -4.64
C HIS A 179 -10.85 0.40 -5.34
N LEU A 180 -11.55 -0.74 -5.35
CA LEU A 180 -12.88 -0.85 -5.91
C LEU A 180 -13.92 0.18 -5.42
N PHE A 181 -13.51 1.09 -4.54
CA PHE A 181 -14.40 2.18 -4.07
C PHE A 181 -13.70 3.55 -4.10
N ALA A 182 -12.50 3.60 -3.54
CA ALA A 182 -11.88 4.86 -3.14
C ALA A 182 -11.17 5.53 -4.28
N ILE A 183 -10.98 4.78 -5.37
CA ILE A 183 -10.12 5.26 -6.49
C ILE A 183 -10.41 6.71 -6.91
N ASN A 184 -11.67 7.05 -7.21
CA ASN A 184 -11.97 8.44 -7.57
C ASN A 184 -12.01 9.39 -6.37
N TYR A 185 -12.34 8.85 -5.20
CA TYR A 185 -12.29 9.64 -3.96
C TYR A 185 -10.87 10.17 -3.64
N THR A 186 -9.90 9.27 -3.51
CA THR A 186 -8.69 9.65 -2.81
C THR A 186 -7.45 9.24 -3.55
N GLY A 187 -7.63 8.41 -4.57
CA GLY A 187 -6.49 7.71 -5.17
C GLY A 187 -6.51 6.26 -4.76
N ALA A 188 -7.21 5.98 -3.67
CA ALA A 188 -7.19 4.69 -2.98
C ALA A 188 -5.78 4.22 -2.60
N SER A 189 -5.00 5.06 -1.89
CA SER A 189 -3.61 4.67 -1.44
C SER A 189 -3.61 3.58 -0.36
N MET A 190 -4.18 3.92 0.79
CA MET A 190 -4.14 3.07 1.99
C MET A 190 -2.72 2.55 2.32
N ASN A 191 -1.72 3.33 1.88
CA ASN A 191 -0.33 2.92 1.85
C ASN A 191 0.58 4.11 1.62
N PRO A 192 1.24 4.62 2.70
CA PRO A 192 2.12 5.79 2.57
C PRO A 192 3.25 5.63 1.53
N ALA A 193 4.10 4.61 1.68
CA ALA A 193 5.18 4.42 0.69
C ALA A 193 4.68 4.24 -0.75
N ARG A 194 3.52 3.60 -0.96
CA ARG A 194 2.98 3.44 -2.32
C ARG A 194 2.75 4.79 -2.99
N SER A 195 2.44 5.81 -2.19
CA SER A 195 2.28 7.15 -2.71
C SER A 195 3.52 8.00 -2.46
N PHE A 196 4.46 7.52 -1.62
CA PHE A 196 5.75 8.22 -1.48
C PHE A 196 6.64 8.08 -2.72
N GLY A 197 6.63 6.88 -3.32
CA GLY A 197 7.42 6.57 -4.51
C GLY A 197 7.24 7.56 -5.64
N PRO A 198 6.11 7.46 -6.37
CA PRO A 198 5.81 8.41 -7.45
C PRO A 198 5.86 9.90 -7.08
N ALA A 199 5.52 10.25 -5.85
CA ALA A 199 5.53 11.67 -5.44
C ALA A 199 6.94 12.24 -5.61
N VAL A 200 7.92 11.44 -5.21
CA VAL A 200 9.32 11.81 -5.35
C VAL A 200 9.68 12.04 -6.81
N ILE A 201 9.33 11.07 -7.66
CA ILE A 201 9.73 11.06 -9.07
C ILE A 201 9.11 12.19 -9.90
N MET A 202 7.85 12.53 -9.63
CA MET A 202 7.17 13.53 -10.44
C MET A 202 7.12 14.91 -9.78
N GLY A 203 7.40 14.96 -8.48
CA GLY A 203 7.40 16.22 -7.73
C GLY A 203 6.02 16.70 -7.34
N ASN A 204 4.98 15.96 -7.73
CA ASN A 204 3.63 16.31 -7.32
C ASN A 204 3.36 15.78 -5.89
N TRP A 205 3.15 16.72 -4.96
CA TRP A 205 2.97 16.46 -3.52
C TRP A 205 1.62 16.99 -2.98
N GLU A 206 0.70 17.36 -3.86
CA GLU A 206 -0.64 17.79 -3.44
C GLU A 206 -1.17 16.86 -2.33
N ASN A 207 -1.59 17.46 -1.22
CA ASN A 207 -2.12 16.78 -0.02
C ASN A 207 -1.37 15.53 0.42
N HIS A 208 -0.06 15.50 0.21
CA HIS A 208 0.72 14.31 0.51
C HIS A 208 0.68 13.90 1.98
N TRP A 209 0.57 14.88 2.88
CA TRP A 209 0.56 14.60 4.31
C TRP A 209 -0.60 13.67 4.64
N ILE A 210 -1.65 13.83 3.84
CA ILE A 210 -2.93 13.16 3.98
C ILE A 210 -2.81 11.65 3.81
N TYR A 211 -1.74 11.22 3.14
CA TYR A 211 -1.48 9.82 2.82
C TYR A 211 -0.53 9.16 3.81
N TRP A 212 -0.14 9.90 4.83
CA TRP A 212 0.69 9.33 5.87
C TRP A 212 -0.19 9.19 7.12
N VAL A 213 -0.78 10.30 7.56
CA VAL A 213 -1.60 10.33 8.80
C VAL A 213 -2.95 9.62 8.63
N GLY A 214 -3.62 9.85 7.52
CA GLY A 214 -4.83 9.11 7.21
C GLY A 214 -4.61 7.63 7.45
N PRO A 215 -3.84 6.98 6.54
CA PRO A 215 -3.53 5.56 6.58
C PRO A 215 -2.90 5.08 7.89
N ILE A 216 -2.11 5.93 8.54
CA ILE A 216 -1.49 5.57 9.83
C ILE A 216 -2.52 5.55 10.98
N ILE A 217 -3.33 6.60 11.07
CA ILE A 217 -4.41 6.64 12.08
C ILE A 217 -5.28 5.37 11.90
N GLY A 218 -5.70 5.10 10.66
CA GLY A 218 -6.57 3.97 10.34
C GLY A 218 -5.87 2.66 10.67
N ALA A 219 -4.58 2.61 10.37
CA ALA A 219 -3.70 1.49 10.71
C ALA A 219 -3.66 1.16 12.21
N VAL A 220 -3.44 2.18 13.02
CA VAL A 220 -3.44 2.02 14.47
C VAL A 220 -4.82 1.62 14.99
N LEU A 221 -5.83 2.43 14.69
CA LEU A 221 -7.19 2.19 15.19
C LEU A 221 -7.69 0.79 14.85
N ALA A 222 -7.15 0.20 13.79
CA ALA A 222 -7.50 -1.17 13.39
C ALA A 222 -6.51 -2.19 13.93
N GLY A 223 -5.31 -1.71 14.27
CA GLY A 223 -4.38 -2.52 15.05
C GLY A 223 -4.92 -2.58 16.47
N ALA A 224 -5.37 -1.43 16.96
CA ALA A 224 -5.89 -1.26 18.30
C ALA A 224 -7.10 -2.12 18.55
N LEU A 225 -8.11 -1.92 17.69
CA LEU A 225 -9.39 -2.60 17.83
C LEU A 225 -9.29 -4.11 17.90
N TYR A 226 -8.34 -4.67 17.17
CA TYR A 226 -8.18 -6.10 17.19
C TYR A 226 -7.58 -6.52 18.52
N GLU A 227 -6.51 -5.83 18.90
CA GLU A 227 -5.67 -6.25 20.01
C GLU A 227 -6.28 -6.02 21.41
N TYR A 228 -6.85 -4.84 21.62
CA TYR A 228 -7.25 -4.42 22.96
C TYR A 228 -8.76 -4.38 23.17
N VAL A 229 -9.51 -4.50 22.08
CA VAL A 229 -10.97 -4.51 22.15
C VAL A 229 -11.49 -5.89 21.72
N PHE A 230 -11.55 -6.15 20.42
CA PHE A 230 -12.15 -7.38 19.89
C PHE A 230 -11.49 -8.67 20.39
N CYS A 231 -10.24 -8.55 20.83
CA CYS A 231 -9.46 -9.66 21.34
C CYS A 231 -8.44 -9.18 22.37
C23 PEE B . 21.91 1.12 -11.91
C22 PEE B . 21.25 1.85 -13.06
C21 PEE B . 21.09 3.18 -13.06
C20 PEE B . 20.43 3.81 -14.26
C19 PEE B . 20.45 5.33 -14.21
C18 PEE B . 20.58 5.92 -15.61
C17 PEE B . 21.95 5.68 -16.25
C16 PEE B . 22.95 6.82 -16.01
C15 PEE B . 23.35 7.52 -17.31
C14 PEE B . 22.21 8.36 -17.88
C13 PEE B . 21.89 7.92 -19.31
C12 PEE B . 20.72 6.94 -19.33
C11 PEE B . 19.45 7.64 -19.78
C10 PEE B . 17.22 8.22 -19.19
O4 PEE B . 18.43 7.58 -18.78
O2 PEE B . 16.95 8.01 -20.59
C2 PEE B . 15.60 7.69 -20.96
C1 PEE B . 14.55 8.40 -20.08
O3P PEE B . 14.57 9.81 -20.32
P PEE B . 13.78 10.87 -19.38
O2P PEE B . 14.49 10.95 -18.05
O1P PEE B . 12.31 10.49 -19.43
O4P PEE B . 13.97 12.29 -20.15
C4 PEE B . 12.96 13.31 -20.25
C5 PEE B . 12.79 13.77 -21.70
N PEE B . 11.50 13.36 -22.22
C3 PEE B . 15.36 6.18 -20.93
O3 PEE B . 16.50 5.47 -21.44
C30 PEE B . 17.46 4.77 -20.59
O5 PEE B . 18.45 4.30 -21.12
C31 PEE B . 17.28 4.57 -19.09
C32 PEE B . 17.41 3.10 -18.71
C33 PEE B . 18.45 2.88 -17.62
C34 PEE B . 18.94 1.44 -17.60
C35 PEE B . 19.41 1.05 -16.22
C36 PEE B . 19.30 -0.46 -15.99
C37 PEE B . 18.42 -0.77 -14.78
C38 PEE B . 18.82 -2.11 -14.17
C39 PEE B . 17.64 -2.83 -13.54
C40 PEE B . 17.84 -4.35 -13.47
C41 PEE B . 19.20 -4.76 -12.94
C42 PEE B . 19.61 -6.03 -12.96
C43 PEE B . 20.96 -6.41 -12.42
C44 PEE B . 20.82 -7.18 -11.11
C26 PEE C . 8.43 7.81 9.51
C25 PEE C . 7.25 7.78 10.45
C24 PEE C . 5.98 8.38 9.86
C23 PEE C . 5.30 9.42 10.76
C22 PEE C . 4.52 10.45 9.96
C21 PEE C . 5.18 11.26 9.11
C20 PEE C . 4.45 12.30 8.29
C19 PEE C . 5.48 13.22 7.67
C18 PEE C . 5.00 13.83 6.36
C17 PEE C . 5.83 13.35 5.16
C16 PEE C . 6.06 14.42 4.09
C15 PEE C . 4.76 14.91 3.46
C14 PEE C . 4.48 16.39 3.70
C13 PEE C . 4.63 17.15 2.38
C12 PEE C . 3.90 18.47 2.42
C11 PEE C . 2.70 18.47 1.49
C10 PEE C . 0.67 19.72 1.45
O4 PEE C . 1.56 18.92 2.23
O2 PEE C . 1.01 21.11 1.57
C2 PEE C . -0.10 21.94 1.88
C1 PEE C . -0.28 23.00 0.79
O3P PEE C . -0.69 22.37 -0.45
P PEE C . -2.25 22.09 -0.82
O2P PEE C . -3.15 22.98 0.02
O1P PEE C . -2.42 20.58 -0.77
O4P PEE C . -2.40 22.56 -2.36
C4 PEE C . -1.71 23.69 -2.91
C5 PEE C . -2.54 24.96 -2.76
N PEE C . -1.67 26.13 -2.81
C3 PEE C . 0.08 22.66 3.22
O3 PEE C . 1.04 22.03 4.07
C30 PEE C . 0.64 21.13 5.14
O5 PEE C . -0.53 21.16 5.54
C31 PEE C . 1.66 20.19 5.75
C32 PEE C . 1.59 20.17 7.27
C33 PEE C . 0.63 19.08 7.73
C34 PEE C . 1.37 17.91 8.35
C35 PEE C . 0.83 17.62 9.75
C36 PEE C . 0.97 16.15 10.10
C37 PEE C . 2.43 15.74 10.18
C38 PEE C . 2.79 15.17 11.55
C39 PEE C . 1.82 14.11 12.07
C40 PEE C . 2.39 12.68 12.04
C41 PEE C . 1.32 11.73 11.52
C42 PEE C . 0.94 10.58 12.10
C43 PEE C . 1.54 10.05 13.39
C44 PEE C . 0.46 9.99 14.45
C45 PEE C . -0.71 9.08 14.07
C46 PEE C . -1.52 8.66 15.27
C26 PEE D . 19.99 -2.55 -5.40
C25 PEE D . 18.86 -2.30 -6.40
C24 PEE D . 19.20 -2.87 -7.79
C23 PEE D . 17.95 -3.37 -8.53
C22 PEE D . 17.40 -2.34 -9.49
C21 PEE D . 18.18 -1.44 -10.11
C20 PEE D . 17.59 -0.44 -11.06
C19 PEE D . 17.86 0.97 -10.56
C18 PEE D . 18.08 1.93 -11.72
C17 PEE D . 16.81 2.26 -12.50
C16 PEE D . 16.69 3.76 -12.73
C15 PEE D . 15.90 4.42 -11.60
C14 PEE D . 16.78 5.27 -10.72
C13 PEE D . 15.98 6.19 -9.79
C12 PEE D . 15.40 7.40 -10.53
C11 PEE D . 16.47 8.20 -11.28
C10 PEE D . 15.58 10.27 -11.99
O4 PEE D . 15.87 8.91 -12.36
O2 PEE D . 14.17 10.39 -11.73
C2 PEE D . 13.73 11.41 -10.80
C1 PEE D . 13.37 12.74 -11.47
O3P PEE D . 13.98 12.93 -12.76
P PEE D . 13.34 12.37 -14.15
O2P PEE D . 14.21 11.24 -14.65
O1P PEE D . 11.86 12.13 -13.94
O4P PEE D . 13.54 13.61 -15.17
C4 PEE D . 14.61 13.62 -16.12
C5 PEE D . 14.66 14.95 -16.86
N PEE D . 13.45 15.10 -17.66
C3 PEE D . 14.71 11.61 -9.63
O3 PEE D . 14.96 10.36 -8.99
C30 PEE D . 15.81 10.26 -7.80
O5 PEE D . 15.52 10.92 -6.82
C31 PEE D . 17.03 9.35 -7.78
C32 PEE D . 16.88 8.24 -6.74
C33 PEE D . 18.22 7.82 -6.14
C34 PEE D . 18.05 7.32 -4.71
C35 PEE D . 18.24 5.81 -4.60
C36 PEE D . 18.93 5.42 -3.29
C37 PEE D . 19.80 4.17 -3.48
C38 PEE D . 19.23 2.92 -2.78
C39 PEE D . 18.95 1.78 -3.76
C40 PEE D . 20.22 1.21 -4.40
C41 PEE D . 19.98 0.82 -5.84
C42 PEE D . 20.20 1.60 -6.91
C43 PEE D . 20.72 3.03 -6.83
C44 PEE D . 19.95 3.94 -7.78
C45 PEE D . 20.68 5.27 -8.01
C46 PEE D . 20.13 6.03 -9.20
C26 PEE E . 14.15 -6.30 -10.63
C25 PEE E . 14.74 -7.37 -9.73
C24 PEE E . 16.27 -7.38 -9.78
C23 PEE E . 16.90 -7.82 -8.44
C22 PEE E . 17.45 -6.60 -7.71
C21 PEE E . 18.28 -6.61 -6.64
C20 PEE E . 18.84 -7.85 -5.99
C19 PEE E . 19.52 -7.50 -4.66
C18 PEE E . 20.34 -8.67 -4.09
C17 PEE E . 21.15 -8.25 -2.86
C16 PEE E . 21.53 -9.45 -1.98
C15 PEE E . 21.56 -9.11 -0.49
C14 PEE E . 21.27 -10.34 0.36
C13 PEE E . 21.49 -10.11 1.84
C12 PEE E . 21.79 -11.43 2.55
C11 PEE E . 23.30 -11.66 2.68
C10 PEE E . 24.10 -12.95 0.85
O4 PEE E . 23.67 -12.96 2.21
O2 PEE E . 25.51 -13.14 0.75
C2 PEE E . 26.26 -12.09 0.12
C1 PEE E . 26.99 -11.25 1.19
O3P PEE E . 28.38 -11.61 1.32
P PEE E . 29.20 -11.64 2.74
O2P PEE E . 30.45 -12.46 2.51
O1P PEE E . 28.24 -12.06 3.84
O4P PEE E . 29.67 -10.11 3.00
C4 PEE E . 30.36 -9.73 4.20
C5 PEE E . 31.67 -9.03 3.87
N PEE E . 32.77 -9.89 4.23
C3 PEE E . 25.42 -11.23 -0.85
O3 PEE E . 24.98 -9.97 -0.33
C30 PEE E . 25.51 -8.69 -0.80
O5 PEE E . 26.69 -8.59 -1.13
C31 PEE E . 24.62 -7.46 -0.89
C19 PEE F . 9.94 6.46 13.00
C18 PEE F . 9.10 5.22 12.69
C17 PEE F . 8.89 4.36 13.93
C16 PEE F . 7.81 4.94 14.83
C15 PEE F . 6.91 3.86 15.39
C14 PEE F . 5.53 4.41 15.76
C13 PEE F . 5.21 4.31 17.25
C12 PEE F . 5.89 5.41 18.07
C11 PEE F . 5.65 5.27 19.57
C10 PEE F . 5.67 3.57 21.20
O4 PEE F . 6.35 4.14 20.09
O2 PEE F . 4.61 2.71 20.74
C2 PEE F . 3.63 2.46 21.75
C1 PEE F . 3.94 1.12 22.41
O3P PEE F . 5.30 0.78 22.15
P PEE F . 6.29 0.18 23.28
O2P PEE F . 6.95 -1.04 22.67
O1P PEE F . 5.55 0.07 24.60
O4P PEE F . 7.45 1.29 23.47
C4 PEE F . 8.56 1.02 24.34
C5 PEE F . 9.78 0.64 23.52
N PEE F . 10.33 1.83 22.89
C3 PEE F . 2.24 2.41 21.13
O3 PEE F . 2.07 3.52 20.26
C30 PEE F . 1.26 4.67 20.64
O5 PEE F . 0.13 4.50 21.06
C31 PEE F . 1.81 6.08 20.51
C32 PEE F . 2.34 6.35 19.11
C33 PEE F . 1.23 6.48 18.05
C34 PEE F . 1.62 7.44 16.94
C35 PEE F . 2.54 6.82 15.90
C36 PEE F . 3.84 7.61 15.78
C37 PEE F . 4.11 8.07 14.36
C38 PEE F . 5.43 7.54 13.82
C39 PEE F . 6.59 8.47 14.15
#